data_5FHB
#
_entry.id   5FHB
#
_cell.length_a   71.540
_cell.length_b   71.540
_cell.length_c   199.012
_cell.angle_alpha   90.00
_cell.angle_beta   90.00
_cell.angle_gamma   120.00
#
_symmetry.space_group_name_H-M   'P 32 2 1'
#
loop_
_entity.id
_entity.type
_entity.pdbx_description
1 polymer 'Antibody 100 Fab heavy chain'
2 polymer 'Antibody 100 Fab light chain'
3 non-polymer 1,2-ETHANEDIOL
4 non-polymer 'ACETATE ION'
5 water water
#
loop_
_entity_poly.entity_id
_entity_poly.type
_entity_poly.pdbx_seq_one_letter_code
_entity_poly.pdbx_strand_id
1 'polypeptide(L)'
;QVQLQESGPGLVKPSDTLSLTCTVSGGSLSSFYWSWIRQPPGKGLEWIGYIYYSGSPNYSPSLESRVTMSVDTTRNQISL
KLDSVTAADTAVYYCVRASRSYYWGSYRPTAFDSWGQGTLVTVSSASTKGPSVFPLAPSSKSTSGGTAALGCLVKDYFPE
PVTVSWNSGALTSGVHTFPAVLQSSGLYSLSSVVTVPSSSLGTQTYICNVNHKPSNTKVDKKVEPKSC
;
H
2 'polypeptide(L)'
;YELTQPLSVSVSPGQTAIFTCSGDNLGDKYVCWFQQRPGQSPMLLIYQDNKRPSGIPERFSGSNSGNTATLTISGTQSTD
EADYYCQTWDSTVVFGGGTKLTVLGQPKAAPSVTLFPPSSEELQANKATLVCLISDFYPGAVTVAWKADSSPVKAGVETT
TPSKQSNNKYAASSYLSLTPEQWKSHRSYSCQVTHEGSTVEKTVAPTE
;
L
#
# COMPACT_ATOMS: atom_id res chain seq x y z
N GLN A 1 -3.93 18.04 -17.89
CA GLN A 1 -3.74 17.48 -16.56
C GLN A 1 -2.27 17.12 -16.25
N VAL A 2 -1.68 17.79 -15.26
CA VAL A 2 -0.27 17.56 -14.92
C VAL A 2 -0.15 16.28 -14.08
N GLN A 3 0.52 15.28 -14.66
CA GLN A 3 0.67 13.96 -14.06
C GLN A 3 2.13 13.61 -13.97
N LEU A 4 2.50 12.90 -12.92
CA LEU A 4 3.88 12.60 -12.58
C LEU A 4 4.03 11.10 -12.63
N GLN A 5 4.99 10.59 -13.39
CA GLN A 5 5.21 9.15 -13.37
C GLN A 5 6.66 8.76 -13.10
N GLU A 6 6.90 8.12 -11.96
CA GLU A 6 8.22 7.58 -11.65
C GLU A 6 8.52 6.35 -12.50
N SER A 7 9.79 6.14 -12.80
CA SER A 7 10.24 4.94 -13.51
C SER A 7 9.87 3.71 -12.68
N GLY A 8 9.75 2.54 -13.31
CA GLY A 8 9.11 1.40 -12.67
C GLY A 8 9.87 0.81 -11.48
N PRO A 9 9.12 0.14 -10.57
CA PRO A 9 9.74 -0.41 -9.35
C PRO A 9 10.69 -1.59 -9.63
N GLY A 10 11.68 -1.81 -8.73
CA GLY A 10 12.52 -2.97 -8.81
C GLY A 10 13.71 -3.08 -7.91
N LEU A 11 14.58 -4.01 -8.28
CA LEU A 11 15.77 -4.34 -7.53
C LEU A 11 16.87 -3.40 -7.88
N VAL A 12 17.67 -3.08 -6.87
CA VAL A 12 19.01 -2.50 -7.09
C VAL A 12 19.98 -3.28 -6.24
N LYS A 13 21.16 -3.58 -6.78
CA LYS A 13 22.19 -4.29 -6.00
C LYS A 13 22.79 -3.43 -4.91
N PRO A 14 23.05 -4.01 -3.75
CA PRO A 14 23.74 -3.24 -2.72
C PRO A 14 25.02 -2.63 -3.32
N SER A 15 25.29 -1.36 -2.98
CA SER A 15 26.50 -0.63 -3.40
C SER A 15 26.37 0.03 -4.74
N ASP A 16 25.37 -0.36 -5.51
CA ASP A 16 25.16 0.28 -6.78
C ASP A 16 24.61 1.71 -6.61
N THR A 17 24.58 2.46 -7.70
CA THR A 17 23.97 3.77 -7.73
C THR A 17 22.52 3.60 -8.16
N LEU A 18 21.58 3.99 -7.33
CA LEU A 18 20.17 3.96 -7.74
C LEU A 18 19.91 5.10 -8.72
N SER A 19 19.22 4.80 -9.82
CA SER A 19 18.88 5.83 -10.77
C SER A 19 17.37 5.78 -11.06
N LEU A 20 16.67 6.87 -10.83
CA LEU A 20 15.25 6.97 -11.06
C LEU A 20 14.97 8.16 -11.95
N THR A 21 13.86 8.10 -12.65
CA THR A 21 13.38 9.22 -13.46
C THR A 21 11.94 9.50 -13.12
N CYS A 22 11.54 10.76 -13.18
CA CYS A 22 10.13 11.15 -13.11
C CYS A 22 9.80 11.83 -14.42
N THR A 23 8.76 11.36 -15.08
CA THR A 23 8.34 11.92 -16.37
C THR A 23 7.09 12.76 -16.12
N VAL A 24 7.12 14.01 -16.55
CA VAL A 24 6.00 14.89 -16.31
C VAL A 24 5.22 15.06 -17.61
N SER A 25 3.91 14.89 -17.52
CA SER A 25 3.07 15.12 -18.70
C SER A 25 1.97 16.10 -18.35
N GLY A 26 1.38 16.71 -19.37
CA GLY A 26 0.24 17.60 -19.16
C GLY A 26 0.69 18.98 -18.70
N GLY A 27 1.90 19.35 -19.07
CA GLY A 27 2.42 20.64 -18.75
C GLY A 27 3.92 20.55 -18.62
N SER A 28 4.56 21.70 -18.62
CA SER A 28 6.01 21.80 -18.64
C SER A 28 6.65 21.78 -17.22
N LEU A 29 7.89 21.31 -17.13
CA LEU A 29 8.68 21.33 -15.90
C LEU A 29 8.81 22.71 -15.32
N SER A 30 8.82 23.68 -16.22
CA SER A 30 9.51 24.92 -15.98
C SER A 30 8.86 25.74 -14.89
N SER A 31 7.56 25.55 -14.69
CA SER A 31 6.81 26.35 -13.74
C SER A 31 7.00 25.97 -12.23
N PHE A 32 7.57 24.81 -11.98
CA PHE A 32 7.50 24.23 -10.62
C PHE A 32 8.85 23.84 -10.05
N TYR A 33 8.91 23.68 -8.72
CA TYR A 33 10.01 22.90 -8.18
C TYR A 33 9.67 21.44 -8.26
N TRP A 34 10.73 20.63 -8.30
CA TRP A 34 10.60 19.16 -8.32
C TRP A 34 11.44 18.57 -7.23
N SER A 35 10.85 17.69 -6.40
CA SER A 35 11.56 17.05 -5.28
C SER A 35 11.39 15.56 -5.38
N TRP A 36 12.26 14.87 -4.64
CA TRP A 36 12.10 13.46 -4.37
C TRP A 36 11.94 13.33 -2.86
N ILE A 37 11.01 12.47 -2.46
CA ILE A 37 10.73 12.23 -1.04
C ILE A 37 10.58 10.74 -0.90
N ARG A 38 11.20 10.10 0.09
CA ARG A 38 11.05 8.64 0.12
C ARG A 38 10.46 8.20 1.47
N GLN A 39 10.03 6.95 1.50
CA GLN A 39 9.38 6.37 2.64
C GLN A 39 9.80 4.91 2.76
N PRO A 40 10.69 4.62 3.66
CA PRO A 40 10.98 3.20 3.92
C PRO A 40 9.75 2.45 4.48
N PRO A 41 9.68 1.10 4.32
CA PRO A 41 8.53 0.30 4.76
C PRO A 41 8.25 0.50 6.23
N GLY A 42 6.99 0.76 6.57
CA GLY A 42 6.61 1.02 7.94
C GLY A 42 7.21 2.27 8.58
N LYS A 43 7.79 3.19 7.80
CA LYS A 43 8.32 4.40 8.43
C LYS A 43 7.69 5.69 7.84
N GLY A 44 8.19 6.84 8.29
CA GLY A 44 7.72 8.16 7.90
C GLY A 44 8.30 8.66 6.59
N LEU A 45 8.14 9.95 6.34
CA LEU A 45 8.59 10.59 5.12
C LEU A 45 9.95 11.23 5.27
N GLU A 46 10.78 11.10 4.24
CA GLU A 46 12.11 11.73 4.28
C GLU A 46 12.38 12.46 2.98
N TRP A 47 12.57 13.77 3.09
CA TRP A 47 12.78 14.59 1.89
C TRP A 47 14.22 14.40 1.41
N ILE A 48 14.43 14.26 0.12
CA ILE A 48 15.80 14.06 -0.37
C ILE A 48 16.43 15.34 -0.94
N GLY A 49 15.63 16.10 -1.71
CA GLY A 49 16.15 17.33 -2.27
C GLY A 49 15.17 17.92 -3.28
N TYR A 50 15.47 19.12 -3.77
CA TYR A 50 14.61 19.71 -4.79
C TYR A 50 15.43 20.45 -5.79
N ILE A 51 14.81 20.74 -6.93
CA ILE A 51 15.45 21.50 -7.97
C ILE A 51 14.41 22.35 -8.71
N TYR A 52 14.84 23.50 -9.20
CA TYR A 52 14.09 24.31 -10.11
C TYR A 52 14.82 24.18 -11.47
N TYR A 53 14.13 24.25 -12.60
CA TYR A 53 14.83 23.98 -13.86
C TYR A 53 15.99 24.94 -14.18
N SER A 54 15.90 26.19 -13.77
CA SER A 54 16.98 27.10 -14.08
C SER A 54 17.91 27.33 -12.88
N GLY A 55 17.66 26.62 -11.78
CA GLY A 55 18.45 26.75 -10.58
C GLY A 55 19.33 25.56 -10.24
N SER A 56 20.02 25.68 -9.11
CA SER A 56 20.89 24.63 -8.60
C SER A 56 20.10 23.80 -7.60
N PRO A 57 20.29 22.48 -7.61
CA PRO A 57 19.55 21.64 -6.68
C PRO A 57 20.01 21.86 -5.24
N ASN A 58 19.15 21.56 -4.28
CA ASN A 58 19.50 21.63 -2.86
C ASN A 58 19.11 20.30 -2.26
N TYR A 59 19.99 19.69 -1.47
CA TYR A 59 19.70 18.36 -0.93
C TYR A 59 19.62 18.29 0.57
N SER A 60 18.98 17.26 1.08
CA SER A 60 19.01 16.98 2.49
C SER A 60 20.47 16.90 3.00
N PRO A 61 20.75 17.51 4.15
CA PRO A 61 22.10 17.44 4.73
C PRO A 61 22.51 16.01 5.00
N SER A 62 21.55 15.18 5.31
CA SER A 62 21.84 13.80 5.58
C SER A 62 22.17 13.00 4.31
N LEU A 63 21.76 13.46 3.13
CA LEU A 63 22.02 12.66 1.92
C LEU A 63 22.95 13.34 0.95
N GLU A 64 23.31 14.57 1.29
CA GLU A 64 23.96 15.46 0.35
C GLU A 64 25.17 14.87 -0.38
N SER A 65 26.00 14.11 0.31
CA SER A 65 27.21 13.65 -0.35
C SER A 65 26.97 12.42 -1.24
N ARG A 66 25.74 11.91 -1.27
CA ARG A 66 25.42 10.66 -1.99
C ARG A 66 24.39 10.85 -3.11
N VAL A 67 23.73 12.01 -3.15
CA VAL A 67 22.64 12.16 -4.11
C VAL A 67 22.81 13.29 -5.08
N THR A 68 22.22 13.14 -6.27
CA THR A 68 22.14 14.30 -7.15
C THR A 68 20.80 14.26 -7.87
N MET A 69 20.39 15.41 -8.38
CA MET A 69 19.16 15.49 -9.13
C MET A 69 19.44 16.36 -10.32
N SER A 70 18.71 16.15 -11.39
CA SER A 70 18.85 17.03 -12.56
C SER A 70 17.55 17.02 -13.35
N VAL A 71 17.44 17.94 -14.28
CA VAL A 71 16.24 18.18 -15.03
C VAL A 71 16.60 18.13 -16.50
N ASP A 72 15.77 17.45 -17.29
CA ASP A 72 15.94 17.42 -18.75
C ASP A 72 14.69 18.04 -19.36
N THR A 73 14.78 19.30 -19.77
CA THR A 73 13.57 20.02 -20.20
C THR A 73 13.08 19.62 -21.57
N THR A 74 13.85 18.84 -22.31
CA THR A 74 13.37 18.44 -23.61
C THR A 74 12.64 17.10 -23.53
N ARG A 75 12.97 16.27 -22.53
CA ARG A 75 12.18 15.07 -22.29
C ARG A 75 11.14 15.30 -21.19
N ASN A 76 11.16 16.48 -20.56
CA ASN A 76 10.25 16.77 -19.46
C ASN A 76 10.44 15.75 -18.33
N GLN A 77 11.69 15.51 -17.97
CA GLN A 77 11.99 14.55 -16.90
C GLN A 77 12.90 15.13 -15.82
N ILE A 78 12.73 14.61 -14.63
CA ILE A 78 13.56 14.87 -13.47
C ILE A 78 14.24 13.58 -13.12
N SER A 79 15.53 13.62 -12.80
CA SER A 79 16.18 12.38 -12.35
C SER A 79 16.62 12.43 -10.93
N LEU A 80 16.81 11.24 -10.36
CA LEU A 80 17.43 11.07 -9.05
C LEU A 80 18.52 10.03 -9.18
N LYS A 81 19.69 10.31 -8.62
CA LYS A 81 20.73 9.30 -8.42
C LYS A 81 21.16 9.25 -6.98
N LEU A 82 21.36 8.04 -6.46
CA LEU A 82 21.71 7.87 -5.05
C LEU A 82 22.80 6.85 -4.94
N ASP A 83 24.00 7.28 -4.55
CA ASP A 83 25.14 6.34 -4.50
C ASP A 83 25.11 5.37 -3.32
N SER A 84 25.79 4.24 -3.52
CA SER A 84 26.18 3.31 -2.45
C SER A 84 25.02 2.81 -1.70
N VAL A 85 23.99 2.28 -2.38
CA VAL A 85 22.78 1.98 -1.62
C VAL A 85 22.99 0.75 -0.69
N THR A 86 22.24 0.74 0.39
CA THR A 86 22.17 -0.37 1.33
C THR A 86 20.71 -0.64 1.65
N ALA A 87 20.45 -1.64 2.49
CA ALA A 87 19.09 -2.00 2.82
C ALA A 87 18.34 -0.83 3.48
N ALA A 88 19.07 0.12 4.05
CA ALA A 88 18.43 1.30 4.60
C ALA A 88 17.87 2.21 3.50
N ASP A 89 18.20 1.96 2.24
CA ASP A 89 17.65 2.81 1.16
C ASP A 89 16.41 2.18 0.50
N THR A 90 16.04 0.97 0.96
CA THR A 90 14.85 0.31 0.44
C THR A 90 13.67 1.21 0.85
N ALA A 91 12.82 1.60 -0.10
CA ALA A 91 11.79 2.60 0.18
C ALA A 91 10.94 2.81 -1.03
N VAL A 92 9.79 3.41 -0.82
CA VAL A 92 9.03 3.99 -1.90
C VAL A 92 9.63 5.36 -2.17
N TYR A 93 9.99 5.64 -3.44
CA TYR A 93 10.52 6.95 -3.83
C TYR A 93 9.41 7.69 -4.57
N TYR A 94 9.01 8.86 -4.04
CA TYR A 94 8.02 9.70 -4.72
C TYR A 94 8.64 10.87 -5.45
N CYS A 95 8.17 11.12 -6.66
CA CYS A 95 8.45 12.36 -7.36
C CYS A 95 7.39 13.35 -6.90
N VAL A 96 7.78 14.58 -6.58
CA VAL A 96 6.82 15.46 -5.86
C VAL A 96 6.93 16.87 -6.40
N ARG A 97 5.79 17.41 -6.86
CA ARG A 97 5.75 18.80 -7.35
C ARG A 97 5.60 19.84 -6.23
N ALA A 98 6.30 20.97 -6.31
CA ALA A 98 5.98 22.10 -5.42
C ALA A 98 5.80 23.35 -6.18
N SER A 99 4.73 24.05 -5.81
CA SER A 99 4.37 25.32 -6.39
C SER A 99 5.42 26.33 -5.98
N ARG A 100 5.51 27.40 -6.77
CA ARG A 100 6.43 28.49 -6.53
C ARG A 100 5.70 29.82 -6.39
N SER A 101 5.92 30.54 -5.31
CA SER A 101 5.31 31.85 -5.20
C SER A 101 6.24 32.76 -4.44
N TYR A 102 5.94 34.04 -4.45
CA TYR A 102 6.75 35.04 -3.78
C TYR A 102 6.18 35.28 -2.39
N TYR A 103 6.99 35.08 -1.36
CA TYR A 103 6.60 35.46 -0.01
C TYR A 103 7.87 35.53 0.82
N TRP A 104 7.85 36.37 1.86
CA TRP A 104 8.99 36.54 2.76
C TRP A 104 10.29 36.84 1.96
N GLY A 105 10.14 37.70 0.98
CA GLY A 105 11.27 38.32 0.31
C GLY A 105 12.02 37.38 -0.60
N SER A 106 11.29 36.47 -1.25
CA SER A 106 11.88 35.62 -2.28
C SER A 106 10.82 34.76 -2.98
N TYR A 107 11.15 34.28 -4.17
CA TYR A 107 10.40 33.16 -4.72
C TYR A 107 10.76 31.92 -3.94
N ARG A 108 9.75 31.16 -3.54
CA ARG A 108 9.95 30.03 -2.68
C ARG A 108 9.02 28.91 -3.04
N PRO A 109 9.41 27.70 -2.70
CA PRO A 109 8.47 26.58 -2.78
C PRO A 109 7.34 26.83 -1.76
N THR A 110 6.11 26.55 -2.11
CA THR A 110 5.05 26.91 -1.20
C THR A 110 4.35 25.71 -0.63
N ALA A 111 4.31 24.62 -1.40
CA ALA A 111 3.67 23.40 -0.93
C ALA A 111 3.99 22.22 -1.85
N PHE A 112 4.25 21.05 -1.26
CA PHE A 112 4.39 19.78 -1.98
C PHE A 112 3.01 19.44 -2.44
N ASP A 113 2.58 19.93 -3.61
CA ASP A 113 1.14 19.88 -3.85
C ASP A 113 0.67 18.77 -4.79
N SER A 114 1.60 18.01 -5.38
CA SER A 114 1.20 16.88 -6.23
C SER A 114 2.24 15.80 -6.14
N TRP A 115 1.81 14.59 -5.76
CA TRP A 115 2.77 13.51 -5.49
C TRP A 115 2.54 12.40 -6.47
N GLY A 116 3.58 11.74 -6.97
CA GLY A 116 3.32 10.61 -7.85
C GLY A 116 2.88 9.42 -7.02
N GLN A 117 2.53 8.33 -7.71
CA GLN A 117 2.21 7.08 -7.06
C GLN A 117 3.40 6.47 -6.33
N GLY A 118 4.61 6.83 -6.71
CA GLY A 118 5.77 6.35 -6.00
C GLY A 118 6.32 5.13 -6.70
N THR A 119 7.61 4.88 -6.54
CA THR A 119 8.12 3.62 -7.11
C THR A 119 8.90 2.88 -6.01
N LEU A 120 8.60 1.60 -5.82
CA LEU A 120 9.20 0.82 -4.70
C LEU A 120 10.59 0.32 -5.16
N VAL A 121 11.61 0.75 -4.46
CA VAL A 121 13.00 0.30 -4.72
C VAL A 121 13.41 -0.68 -3.63
N THR A 122 13.69 -1.90 -4.03
CA THR A 122 14.18 -2.89 -3.09
C THR A 122 15.68 -3.15 -3.27
N VAL A 123 16.48 -2.94 -2.24
CA VAL A 123 17.95 -3.11 -2.32
C VAL A 123 18.26 -4.54 -1.90
N SER A 124 18.78 -5.34 -2.83
CA SER A 124 19.02 -6.77 -2.57
C SER A 124 19.95 -7.35 -3.63
N SER A 125 20.80 -8.32 -3.25
CA SER A 125 21.65 -9.01 -4.22
C SER A 125 20.95 -10.17 -4.88
N ALA A 126 19.78 -10.53 -4.39
CA ALA A 126 19.04 -11.64 -4.95
C ALA A 126 18.50 -11.31 -6.34
N SER A 127 18.12 -12.31 -7.11
CA SER A 127 17.60 -11.99 -8.44
C SER A 127 16.08 -11.84 -8.42
N THR A 128 15.52 -11.19 -9.43
CA THR A 128 14.07 -11.11 -9.50
C THR A 128 13.47 -12.48 -9.79
N LYS A 129 12.18 -12.66 -9.50
CA LYS A 129 11.47 -13.87 -9.88
C LYS A 129 10.03 -13.45 -10.24
N GLY A 130 9.53 -13.80 -11.43
CA GLY A 130 8.13 -13.43 -11.74
C GLY A 130 7.18 -14.41 -11.09
N PRO A 131 5.90 -14.05 -10.99
CA PRO A 131 4.84 -14.79 -10.29
C PRO A 131 4.36 -15.93 -11.17
N SER A 132 3.89 -16.98 -10.52
CA SER A 132 3.14 -18.05 -11.15
C SER A 132 1.70 -17.77 -10.75
N VAL A 133 0.79 -17.65 -11.70
CA VAL A 133 -0.59 -17.28 -11.35
C VAL A 133 -1.55 -18.43 -11.57
N PHE A 134 -2.28 -18.81 -10.53
CA PHE A 134 -3.19 -19.96 -10.61
C PHE A 134 -4.61 -19.51 -10.34
N PRO A 135 -5.60 -20.17 -10.98
CA PRO A 135 -6.99 -19.75 -10.81
C PRO A 135 -7.55 -20.35 -9.52
N LEU A 136 -8.37 -19.58 -8.81
CA LEU A 136 -9.08 -20.11 -7.63
C LEU A 136 -10.54 -20.23 -8.05
N ALA A 137 -10.96 -21.46 -8.30
CA ALA A 137 -12.28 -21.68 -8.85
C ALA A 137 -13.34 -21.42 -7.77
N PRO A 138 -14.53 -21.00 -8.19
CA PRO A 138 -15.63 -20.72 -7.24
C PRO A 138 -16.16 -21.97 -6.57
N SER A 139 -16.60 -21.89 -5.31
CA SER A 139 -17.19 -23.07 -4.66
C SER A 139 -18.72 -23.09 -4.78
N SER A 140 -19.31 -24.28 -4.89
CA SER A 140 -20.77 -24.40 -4.96
C SER A 140 -21.35 -24.34 -3.54
N LYS A 141 -20.52 -23.90 -2.59
CA LYS A 141 -20.95 -23.69 -1.21
C LYS A 141 -20.69 -22.24 -0.72
N SER A 142 -21.58 -21.34 -1.14
CA SER A 142 -21.71 -20.02 -0.54
C SER A 142 -21.90 -20.12 0.98
N THR A 143 -21.24 -19.23 1.70
CA THR A 143 -21.42 -19.19 3.13
C THR A 143 -22.24 -17.97 3.52
N SER A 144 -22.36 -17.01 2.60
CA SER A 144 -23.15 -15.79 2.84
C SER A 144 -24.55 -15.88 2.21
N GLY A 145 -24.75 -16.90 1.37
CA GLY A 145 -25.99 -17.06 0.62
C GLY A 145 -25.98 -16.15 -0.60
N GLY A 146 -26.40 -16.68 -1.74
CA GLY A 146 -26.46 -15.89 -2.95
C GLY A 146 -25.17 -15.34 -3.55
N THR A 147 -24.01 -15.68 -3.02
CA THR A 147 -22.80 -15.27 -3.74
C THR A 147 -21.70 -16.33 -3.83
N ALA A 148 -20.92 -16.19 -4.89
CA ALA A 148 -19.73 -16.98 -5.20
C ALA A 148 -18.48 -16.13 -5.15
N ALA A 149 -17.38 -16.73 -4.74
CA ALA A 149 -16.09 -16.05 -4.78
C ALA A 149 -15.12 -16.83 -5.68
N LEU A 150 -14.47 -16.16 -6.61
CA LEU A 150 -13.45 -16.80 -7.44
C LEU A 150 -12.27 -15.88 -7.40
N GLY A 151 -11.11 -16.36 -7.78
CA GLY A 151 -9.92 -15.50 -7.66
C GLY A 151 -8.68 -16.01 -8.40
N CYS A 152 -7.57 -15.31 -8.13
CA CYS A 152 -6.26 -15.64 -8.69
C CYS A 152 -5.28 -15.74 -7.53
N LEU A 153 -4.53 -16.82 -7.48
CA LEU A 153 -3.37 -16.95 -6.56
C LEU A 153 -2.10 -16.52 -7.29
N VAL A 154 -1.38 -15.56 -6.71
CA VAL A 154 -0.17 -15.02 -7.37
C VAL A 154 1.03 -15.45 -6.54
N LYS A 155 1.76 -16.47 -6.98
CA LYS A 155 2.63 -17.24 -6.13
C LYS A 155 4.13 -16.98 -6.36
N ASP A 156 4.91 -16.78 -5.28
CA ASP A 156 6.38 -16.92 -5.32
C ASP A 156 7.06 -15.91 -6.25
N TYR A 157 6.88 -14.61 -5.98
CA TYR A 157 7.55 -13.62 -6.82
C TYR A 157 8.47 -12.78 -5.91
N PHE A 158 9.36 -12.02 -6.55
CA PHE A 158 10.31 -11.17 -5.85
C PHE A 158 10.89 -10.15 -6.85
N PRO A 159 11.05 -8.89 -6.43
CA PRO A 159 10.59 -8.26 -5.20
C PRO A 159 9.12 -7.82 -5.33
N GLU A 160 8.62 -7.16 -4.28
CA GLU A 160 7.38 -6.40 -4.44
C GLU A 160 7.63 -5.27 -5.43
N PRO A 161 6.58 -4.65 -6.00
CA PRO A 161 5.16 -4.94 -5.75
C PRO A 161 4.54 -5.67 -6.93
N VAL A 162 3.33 -6.15 -6.71
CA VAL A 162 2.49 -6.69 -7.78
C VAL A 162 1.17 -5.90 -7.77
N THR A 163 0.62 -5.54 -8.92
CA THR A 163 -0.77 -5.01 -8.89
C THR A 163 -1.70 -5.95 -9.66
N VAL A 164 -2.97 -5.94 -9.34
CA VAL A 164 -3.96 -6.82 -9.94
C VAL A 164 -5.19 -6.03 -10.40
N SER A 165 -5.67 -6.29 -11.61
CA SER A 165 -6.97 -5.73 -11.99
C SER A 165 -7.80 -6.89 -12.49
N TRP A 166 -9.12 -6.70 -12.66
CA TRP A 166 -9.94 -7.72 -13.28
C TRP A 166 -10.57 -7.18 -14.56
N ASN A 167 -10.60 -8.01 -15.58
CA ASN A 167 -11.13 -7.63 -16.88
C ASN A 167 -10.59 -6.28 -17.35
N SER A 168 -9.28 -6.08 -17.16
CA SER A 168 -8.60 -4.85 -17.59
C SER A 168 -9.12 -3.60 -16.88
N GLY A 169 -9.69 -3.81 -15.69
CA GLY A 169 -10.19 -2.67 -14.94
C GLY A 169 -11.67 -2.48 -15.11
N ALA A 170 -12.30 -3.21 -16.03
CA ALA A 170 -13.73 -2.99 -16.20
C ALA A 170 -14.52 -3.64 -15.06
N LEU A 171 -13.92 -4.63 -14.39
CA LEU A 171 -14.54 -5.24 -13.21
C LEU A 171 -13.95 -4.68 -11.91
N THR A 172 -14.74 -3.96 -11.11
CA THR A 172 -14.22 -3.40 -9.85
C THR A 172 -15.05 -3.80 -8.63
N SER A 173 -16.34 -3.98 -8.84
CA SER A 173 -17.23 -4.20 -7.73
C SER A 173 -17.02 -5.61 -7.21
N GLY A 174 -16.92 -5.73 -5.89
CA GLY A 174 -16.76 -7.04 -5.30
C GLY A 174 -15.34 -7.56 -5.45
N VAL A 175 -14.43 -6.73 -5.96
CA VAL A 175 -13.00 -7.09 -6.03
C VAL A 175 -12.24 -6.83 -4.73
N HIS A 176 -11.49 -7.81 -4.28
CA HIS A 176 -10.69 -7.68 -3.09
C HIS A 176 -9.30 -8.30 -3.28
N THR A 177 -8.26 -7.48 -3.32
CA THR A 177 -6.89 -7.95 -3.54
C THR A 177 -6.17 -7.84 -2.22
N PHE A 178 -5.61 -8.95 -1.74
CA PHE A 178 -5.02 -9.01 -0.39
C PHE A 178 -3.55 -8.60 -0.47
N PRO A 179 -3.04 -7.95 0.57
CA PRO A 179 -1.62 -7.66 0.67
C PRO A 179 -0.84 -8.98 0.66
N ALA A 180 0.39 -8.96 0.19
CA ALA A 180 1.19 -10.18 0.07
C ALA A 180 1.71 -10.68 1.41
N VAL A 181 1.87 -11.97 1.52
CA VAL A 181 2.59 -12.58 2.61
C VAL A 181 4.05 -12.68 2.23
N LEU A 182 4.95 -12.43 3.18
CA LEU A 182 6.36 -12.72 2.94
C LEU A 182 6.72 -14.10 3.48
N GLN A 183 7.14 -14.99 2.59
CA GLN A 183 7.42 -16.36 2.99
C GLN A 183 8.81 -16.46 3.62
N SER A 184 9.04 -17.54 4.38
CA SER A 184 10.35 -17.79 5.01
C SER A 184 11.46 -17.87 3.95
N SER A 185 11.11 -18.38 2.77
CA SER A 185 12.02 -18.41 1.61
C SER A 185 12.40 -17.02 1.10
N GLY A 186 11.75 -15.99 1.61
CA GLY A 186 11.99 -14.62 1.18
C GLY A 186 11.25 -14.23 -0.10
N LEU A 187 10.50 -15.15 -0.68
CA LEU A 187 9.56 -14.81 -1.77
C LEU A 187 8.19 -14.31 -1.25
N TYR A 188 7.45 -13.66 -2.13
CA TYR A 188 6.11 -13.17 -1.84
C TYR A 188 5.04 -13.98 -2.56
N SER A 189 3.84 -14.04 -1.96
CA SER A 189 2.63 -14.49 -2.64
C SER A 189 1.46 -13.60 -2.24
N LEU A 190 0.50 -13.44 -3.12
CA LEU A 190 -0.76 -12.78 -2.71
C LEU A 190 -1.92 -13.38 -3.44
N SER A 191 -3.12 -12.96 -3.06
CA SER A 191 -4.34 -13.42 -3.71
C SER A 191 -5.24 -12.23 -4.02
N SER A 192 -6.05 -12.37 -5.08
CA SER A 192 -7.11 -11.42 -5.39
C SER A 192 -8.39 -12.23 -5.61
N VAL A 193 -9.50 -11.78 -5.04
CA VAL A 193 -10.76 -12.49 -5.20
C VAL A 193 -11.83 -11.51 -5.63
N VAL A 194 -12.76 -12.01 -6.43
CA VAL A 194 -13.97 -11.30 -6.78
C VAL A 194 -15.17 -12.04 -6.21
N THR A 195 -16.01 -11.32 -5.48
CA THR A 195 -17.29 -11.85 -5.03
C THR A 195 -18.37 -11.44 -6.02
N VAL A 196 -19.11 -12.39 -6.56
CA VAL A 196 -20.16 -12.04 -7.48
C VAL A 196 -21.43 -12.78 -7.11
N PRO A 197 -22.57 -12.18 -7.44
CA PRO A 197 -23.84 -12.80 -7.08
C PRO A 197 -23.98 -14.18 -7.75
N SER A 198 -24.56 -15.14 -7.02
CA SER A 198 -24.78 -16.49 -7.51
C SER A 198 -25.41 -16.47 -8.89
N SER A 199 -26.53 -15.74 -8.97
CA SER A 199 -27.38 -15.66 -10.16
C SER A 199 -26.66 -15.02 -11.33
N SER A 200 -25.51 -14.46 -11.03
CA SER A 200 -24.74 -13.68 -11.98
C SER A 200 -23.57 -14.48 -12.49
N LEU A 201 -23.22 -15.54 -11.76
CA LEU A 201 -21.96 -16.25 -11.99
C LEU A 201 -21.95 -16.97 -13.35
N GLY A 202 -20.88 -16.82 -14.12
CA GLY A 202 -20.79 -17.42 -15.44
C GLY A 202 -21.51 -16.66 -16.57
N THR A 203 -21.91 -15.41 -16.34
CA THR A 203 -22.64 -14.68 -17.38
C THR A 203 -21.67 -13.78 -18.16
N GLN A 204 -20.40 -13.95 -17.85
CA GLN A 204 -19.34 -13.21 -18.51
C GLN A 204 -18.03 -13.91 -18.15
N THR A 205 -16.91 -13.51 -18.74
CA THR A 205 -15.66 -14.13 -18.31
C THR A 205 -14.95 -13.24 -17.26
N TYR A 206 -14.05 -13.86 -16.52
CA TYR A 206 -13.38 -13.23 -15.41
C TYR A 206 -11.89 -13.47 -15.65
N ILE A 207 -11.15 -12.40 -15.82
CA ILE A 207 -9.74 -12.51 -16.14
C ILE A 207 -8.97 -11.66 -15.13
N CYS A 208 -8.02 -12.23 -14.42
CA CYS A 208 -7.23 -11.37 -13.52
C CYS A 208 -5.97 -10.98 -14.26
N ASN A 209 -5.65 -9.69 -14.19
CA ASN A 209 -4.52 -9.07 -14.86
C ASN A 209 -3.47 -8.77 -13.80
N VAL A 210 -2.36 -9.48 -13.89
CA VAL A 210 -1.37 -9.45 -12.82
C VAL A 210 -0.15 -8.77 -13.37
N ASN A 211 0.28 -7.68 -12.75
CA ASN A 211 1.42 -6.92 -13.27
C ASN A 211 2.58 -7.00 -12.28
N HIS A 212 3.73 -7.53 -12.73
CA HIS A 212 4.96 -7.55 -11.90
C HIS A 212 6.09 -6.78 -12.62
N LYS A 213 6.06 -5.46 -12.43
CA LYS A 213 6.94 -4.62 -13.20
C LYS A 213 8.44 -4.92 -12.95
N PRO A 214 8.80 -5.32 -11.71
CA PRO A 214 10.23 -5.60 -11.47
C PRO A 214 10.79 -6.67 -12.36
N SER A 215 9.95 -7.61 -12.82
CA SER A 215 10.42 -8.55 -13.81
C SER A 215 9.89 -8.29 -15.24
N ASN A 216 9.27 -7.14 -15.49
CA ASN A 216 8.63 -6.84 -16.77
C ASN A 216 7.69 -7.96 -17.26
N THR A 217 6.92 -8.50 -16.34
CA THR A 217 6.01 -9.61 -16.64
C THR A 217 4.60 -9.15 -16.35
N LYS A 218 3.66 -9.55 -17.19
CA LYS A 218 2.25 -9.36 -16.92
C LYS A 218 1.57 -10.68 -17.23
N VAL A 219 0.64 -11.11 -16.39
CA VAL A 219 -0.13 -12.34 -16.70
C VAL A 219 -1.63 -12.04 -16.73
N ASP A 220 -2.35 -12.57 -17.71
CA ASP A 220 -3.79 -12.44 -17.71
C ASP A 220 -4.36 -13.84 -17.58
N LYS A 221 -4.83 -14.17 -16.38
CA LYS A 221 -5.26 -15.54 -16.16
C LYS A 221 -6.79 -15.57 -16.18
N LYS A 222 -7.33 -16.40 -17.07
CA LYS A 222 -8.77 -16.56 -17.16
C LYS A 222 -9.20 -17.57 -16.08
N VAL A 223 -10.23 -17.25 -15.33
CA VAL A 223 -10.76 -18.15 -14.32
C VAL A 223 -12.04 -18.72 -14.79
N GLU A 224 -12.05 -20.00 -15.15
CA GLU A 224 -13.25 -20.57 -15.71
C GLU A 224 -14.31 -20.74 -14.57
N PRO A 225 -15.53 -20.30 -14.82
CA PRO A 225 -16.46 -20.23 -13.68
C PRO A 225 -17.10 -21.59 -13.38
N LYS A 226 -16.30 -22.52 -12.87
CA LYS A 226 -16.75 -23.88 -12.73
C LYS A 226 -16.40 -24.36 -11.35
N SER A 227 -17.36 -24.89 -10.59
CA SER A 227 -17.01 -25.41 -9.26
C SER A 227 -16.83 -26.92 -9.29
N CYS A 228 -16.09 -27.47 -8.34
CA CYS A 228 -15.81 -28.92 -8.32
C CYS A 228 -16.22 -29.59 -6.99
N TYR B 1 16.65 20.56 13.69
CA TYR B 1 15.31 21.01 14.04
C TYR B 1 14.39 19.80 13.98
N GLU B 2 13.55 19.60 14.99
CA GLU B 2 12.56 18.52 14.96
C GLU B 2 11.13 18.97 15.22
N LEU B 3 10.20 18.30 14.52
CA LEU B 3 8.79 18.45 14.76
C LEU B 3 8.30 17.24 15.55
N THR B 4 7.54 17.50 16.61
CA THR B 4 7.03 16.39 17.41
C THR B 4 5.53 16.18 17.22
N GLN B 5 5.12 14.98 16.82
CA GLN B 5 3.72 14.64 16.69
C GLN B 5 3.42 13.42 17.57
N PRO B 6 2.22 13.33 18.16
CA PRO B 6 1.93 12.10 18.92
C PRO B 6 1.84 10.91 17.96
N LEU B 7 2.08 9.71 18.47
CA LEU B 7 1.99 8.50 17.66
C LEU B 7 0.59 8.29 17.09
N SER B 8 -0.42 8.55 17.91
CA SER B 8 -1.76 8.29 17.41
C SER B 8 -2.79 9.16 18.05
N VAL B 9 -3.90 9.34 17.34
CA VAL B 9 -5.01 10.13 17.83
C VAL B 9 -6.25 9.29 17.58
N SER B 10 -7.25 9.37 18.44
CA SER B 10 -8.46 8.58 18.17
C SER B 10 -9.66 9.52 18.39
N VAL B 11 -10.80 9.15 17.85
CA VAL B 11 -11.95 10.04 17.85
C VAL B 11 -13.19 9.17 17.75
N SER B 12 -14.33 9.63 18.25
CA SER B 12 -15.49 8.82 17.96
C SER B 12 -16.17 9.36 16.68
N PRO B 13 -17.01 8.52 16.08
CA PRO B 13 -17.46 8.80 14.72
C PRO B 13 -18.28 10.09 14.62
N GLY B 14 -18.00 10.89 13.60
CA GLY B 14 -18.76 12.10 13.39
C GLY B 14 -18.26 13.25 14.25
N GLN B 15 -17.20 13.03 15.04
CA GLN B 15 -16.80 14.08 15.95
C GLN B 15 -15.44 14.69 15.53
N THR B 16 -14.88 15.53 16.41
CA THR B 16 -13.77 16.39 15.97
C THR B 16 -12.42 15.79 16.37
N ALA B 17 -11.54 15.53 15.43
CA ALA B 17 -10.20 14.99 15.73
C ALA B 17 -9.18 16.13 15.71
N ILE B 18 -8.34 16.23 16.74
CA ILE B 18 -7.35 17.33 16.73
C ILE B 18 -5.94 16.71 16.79
N PHE B 19 -5.13 17.08 15.82
CA PHE B 19 -3.71 16.71 15.74
C PHE B 19 -2.80 17.85 16.15
N THR B 20 -1.79 17.57 16.97
CA THR B 20 -0.85 18.62 17.33
C THR B 20 0.51 18.33 16.68
N CYS B 21 1.24 19.40 16.46
CA CYS B 21 2.60 19.29 15.90
C CYS B 21 3.41 20.38 16.57
N SER B 22 4.42 20.03 17.37
CA SER B 22 5.21 21.05 18.10
C SER B 22 6.66 21.16 17.67
N GLY B 23 7.18 22.37 17.76
CA GLY B 23 8.57 22.65 17.47
C GLY B 23 8.93 24.04 17.97
N ASP B 24 10.20 24.24 18.29
CA ASP B 24 10.70 25.54 18.77
C ASP B 24 10.35 26.66 17.78
N ASN B 25 9.61 27.67 18.26
CA ASN B 25 9.16 28.79 17.41
C ASN B 25 8.56 28.36 16.07
N LEU B 26 7.82 27.27 16.10
CA LEU B 26 7.11 26.79 14.91
C LEU B 26 6.22 27.88 14.27
N GLY B 27 5.67 28.77 15.11
CA GLY B 27 4.84 29.89 14.68
C GLY B 27 5.54 30.88 13.75
N ASP B 28 6.88 30.89 13.75
CA ASP B 28 7.68 31.72 12.85
C ASP B 28 7.79 31.10 11.43
N LYS B 29 7.28 29.88 11.26
CA LYS B 29 7.44 29.11 10.03
C LYS B 29 6.09 28.81 9.46
N TYR B 30 6.06 28.35 8.21
CA TYR B 30 4.79 27.91 7.60
C TYR B 30 4.72 26.44 7.67
N VAL B 31 3.55 25.94 8.05
CA VAL B 31 3.37 24.52 8.22
C VAL B 31 2.44 23.96 7.15
N CYS B 32 2.80 22.80 6.64
CA CYS B 32 1.90 22.02 5.76
C CYS B 32 1.50 20.70 6.45
N TRP B 33 0.31 20.19 6.08
CA TRP B 33 -0.16 18.89 6.56
C TRP B 33 -0.48 17.98 5.39
N PHE B 34 -0.17 16.70 5.57
CA PHE B 34 -0.44 15.67 4.56
C PHE B 34 -1.21 14.53 5.13
N GLN B 35 -2.06 13.92 4.31
CA GLN B 35 -2.80 12.75 4.69
C GLN B 35 -2.24 11.58 3.86
N GLN B 36 -2.11 10.42 4.49
CA GLN B 36 -1.73 9.25 3.74
C GLN B 36 -2.57 8.08 4.18
N ARG B 37 -3.45 7.66 3.30
CA ARG B 37 -4.30 6.52 3.58
C ARG B 37 -3.50 5.27 3.31
N PRO B 38 -3.91 4.13 3.91
CA PRO B 38 -3.09 2.92 3.76
C PRO B 38 -2.95 2.48 2.30
N GLY B 39 -1.71 2.16 1.94
CA GLY B 39 -1.37 1.81 0.56
C GLY B 39 -1.48 2.93 -0.48
N GLN B 40 -1.57 4.18 -0.06
CA GLN B 40 -1.62 5.29 -1.02
C GLN B 40 -0.48 6.32 -0.82
N SER B 41 -0.23 7.17 -1.83
CA SER B 41 0.66 8.35 -1.71
C SER B 41 0.10 9.38 -0.76
N PRO B 42 0.98 10.13 -0.11
CA PRO B 42 0.57 11.27 0.70
C PRO B 42 -0.13 12.26 -0.19
N MET B 43 -0.97 13.09 0.42
CA MET B 43 -1.68 14.10 -0.34
C MET B 43 -1.74 15.36 0.52
N LEU B 44 -1.50 16.51 -0.11
CA LEU B 44 -1.53 17.78 0.61
C LEU B 44 -2.97 18.08 1.11
N LEU B 45 -3.08 18.37 2.40
CA LEU B 45 -4.35 18.82 3.02
C LEU B 45 -4.38 20.32 3.28
N ILE B 46 -3.26 20.82 3.80
CA ILE B 46 -3.19 22.22 4.33
C ILE B 46 -1.83 22.77 3.95
N TYR B 47 -1.74 24.01 3.45
CA TYR B 47 -0.42 24.60 3.25
C TYR B 47 -0.42 26.00 3.78
N GLN B 48 0.79 26.53 4.01
CA GLN B 48 0.92 27.83 4.68
C GLN B 48 0.00 28.00 5.90
N ASP B 49 0.06 27.02 6.80
CA ASP B 49 -0.61 27.01 8.11
C ASP B 49 -2.09 26.68 8.01
N ASN B 50 -2.80 27.33 7.07
CA ASN B 50 -4.26 27.18 7.11
C ASN B 50 -4.97 27.27 5.78
N LYS B 51 -4.25 27.19 4.67
CA LYS B 51 -4.91 27.24 3.36
C LYS B 51 -5.23 25.83 2.84
N ARG B 52 -6.35 25.69 2.15
CA ARG B 52 -6.79 24.40 1.61
C ARG B 52 -6.72 24.42 0.10
N PRO B 53 -6.04 23.44 -0.51
CA PRO B 53 -6.19 23.25 -1.95
C PRO B 53 -7.65 22.84 -2.31
N SER B 54 -7.99 22.88 -3.58
CA SER B 54 -9.38 22.76 -3.99
C SER B 54 -10.07 21.43 -3.57
N GLY B 55 -9.35 20.33 -3.57
CA GLY B 55 -10.07 19.06 -3.29
C GLY B 55 -10.26 18.74 -1.82
N ILE B 56 -9.89 19.65 -0.95
CA ILE B 56 -9.94 19.40 0.49
C ILE B 56 -11.16 20.06 1.15
N PRO B 57 -12.05 19.24 1.74
CA PRO B 57 -13.26 19.90 2.29
C PRO B 57 -12.99 20.85 3.45
N GLU B 58 -13.96 21.73 3.72
CA GLU B 58 -13.82 22.76 4.75
C GLU B 58 -13.76 22.18 6.16
N ARG B 59 -14.23 20.95 6.33
CA ARG B 59 -14.11 20.35 7.69
C ARG B 59 -12.66 20.06 8.15
N PHE B 60 -11.69 20.20 7.25
CA PHE B 60 -10.25 20.15 7.64
C PHE B 60 -9.77 21.55 7.87
N SER B 61 -9.18 21.86 9.01
CA SER B 61 -8.64 23.22 9.13
C SER B 61 -7.30 23.19 9.84
N GLY B 62 -6.47 24.20 9.61
CA GLY B 62 -5.14 24.19 10.22
C GLY B 62 -4.96 25.47 11.00
N SER B 63 -4.03 25.43 11.95
CA SER B 63 -3.67 26.64 12.66
C SER B 63 -2.19 26.54 13.06
N ASN B 64 -1.51 27.66 13.32
CA ASN B 64 -0.10 27.56 13.73
C ASN B 64 0.24 28.85 14.40
N SER B 65 0.68 28.78 15.65
CA SER B 65 1.20 29.93 16.35
C SER B 65 2.07 29.46 17.56
N GLY B 66 2.96 30.34 18.05
CA GLY B 66 3.80 30.05 19.21
C GLY B 66 4.67 28.84 18.88
N ASN B 67 4.45 27.73 19.57
CA ASN B 67 5.30 26.54 19.38
C ASN B 67 4.48 25.38 18.86
N THR B 68 3.22 25.62 18.47
CA THR B 68 2.35 24.51 18.09
C THR B 68 1.47 24.79 16.89
N ALA B 69 1.43 23.81 15.99
CA ALA B 69 0.51 23.81 14.87
C ALA B 69 -0.52 22.74 15.12
N THR B 70 -1.74 22.97 14.62
CA THR B 70 -2.78 21.96 14.77
C THR B 70 -3.48 21.72 13.47
N LEU B 71 -3.96 20.49 13.35
CA LEU B 71 -4.87 20.12 12.27
C LEU B 71 -6.14 19.65 12.94
N THR B 72 -7.28 20.15 12.50
CA THR B 72 -8.56 19.81 13.08
C THR B 72 -9.44 19.20 11.99
N ILE B 73 -10.02 18.04 12.27
CA ILE B 73 -10.97 17.45 11.33
C ILE B 73 -12.29 17.41 12.04
N SER B 74 -13.28 18.09 11.49
CA SER B 74 -14.60 18.00 12.16
C SER B 74 -15.44 17.00 11.36
N GLY B 75 -16.43 16.39 12.03
CA GLY B 75 -17.24 15.39 11.35
C GLY B 75 -16.44 14.19 10.90
N THR B 76 -15.53 13.69 11.74
CA THR B 76 -14.57 12.70 11.27
C THR B 76 -15.24 11.38 10.86
N GLN B 77 -14.85 10.82 9.72
CA GLN B 77 -15.42 9.57 9.20
C GLN B 77 -14.40 8.44 9.25
N SER B 78 -14.85 7.19 9.20
CA SER B 78 -13.90 6.08 9.16
C SER B 78 -12.95 6.19 7.96
N THR B 79 -13.46 6.74 6.88
CA THR B 79 -12.61 6.84 5.69
C THR B 79 -11.56 7.96 5.81
N ASP B 80 -11.60 8.74 6.89
CA ASP B 80 -10.47 9.66 7.20
C ASP B 80 -9.34 8.93 7.90
N GLU B 81 -9.53 7.66 8.30
CA GLU B 81 -8.41 6.94 8.92
C GLU B 81 -7.20 6.93 7.97
N ALA B 82 -6.03 7.32 8.49
CA ALA B 82 -4.86 7.65 7.69
C ALA B 82 -3.74 8.03 8.63
N ASP B 83 -2.53 8.10 8.09
CA ASP B 83 -1.45 8.77 8.82
C ASP B 83 -1.42 10.24 8.40
N TYR B 84 -1.25 11.14 9.38
CA TYR B 84 -1.23 12.59 9.12
C TYR B 84 0.17 13.13 9.48
N TYR B 85 0.80 13.81 8.53
CA TYR B 85 2.16 14.31 8.74
C TYR B 85 2.12 15.83 8.72
N CYS B 86 2.83 16.47 9.66
CA CYS B 86 3.08 17.89 9.53
C CYS B 86 4.50 18.10 8.99
N GLN B 87 4.74 19.26 8.43
CA GLN B 87 5.99 19.52 7.72
C GLN B 87 6.29 21.00 7.69
N THR B 88 7.55 21.33 7.84
CA THR B 88 7.93 22.72 7.68
C THR B 88 9.29 22.84 7.01
N TRP B 89 9.85 24.04 6.93
CA TRP B 89 11.16 24.31 6.32
C TRP B 89 12.00 25.15 7.32
N ASP B 90 13.13 24.64 7.77
CA ASP B 90 14.05 25.31 8.72
C ASP B 90 15.49 25.17 8.25
N SER B 91 15.83 25.80 7.18
CA SER B 91 17.18 25.66 6.59
C SER B 91 17.18 24.38 5.76
N THR B 92 16.22 23.51 6.02
CA THR B 92 15.98 22.27 5.27
C THR B 92 14.55 21.74 5.55
N VAL B 93 14.06 20.80 4.76
CA VAL B 93 12.71 20.34 4.94
C VAL B 93 12.68 19.49 6.20
N VAL B 94 11.62 19.61 6.99
CA VAL B 94 11.51 18.75 8.20
C VAL B 94 10.12 18.19 8.23
N PHE B 95 9.98 16.87 8.35
CA PHE B 95 8.69 16.22 8.57
C PHE B 95 8.56 15.78 10.02
N GLY B 96 7.35 15.89 10.58
CA GLY B 96 7.02 15.25 11.86
C GLY B 96 7.01 13.74 11.63
N GLY B 97 6.94 12.94 12.70
CA GLY B 97 7.02 11.49 12.55
C GLY B 97 5.69 10.89 12.11
N GLY B 98 4.64 11.70 12.04
CA GLY B 98 3.34 11.18 11.60
C GLY B 98 2.44 10.74 12.78
N THR B 99 1.13 10.92 12.62
CA THR B 99 0.16 10.52 13.65
C THR B 99 -0.88 9.65 12.96
N LYS B 100 -1.10 8.47 13.50
CA LYS B 100 -2.11 7.56 12.97
C LYS B 100 -3.49 7.89 13.61
N LEU B 101 -4.46 8.15 12.77
CA LEU B 101 -5.84 8.41 13.21
C LEU B 101 -6.65 7.14 13.23
N THR B 102 -7.23 6.81 14.40
CA THR B 102 -8.16 5.70 14.52
C THR B 102 -9.54 6.23 14.89
N VAL B 103 -10.57 5.83 14.13
CA VAL B 103 -11.95 6.21 14.47
C VAL B 103 -12.55 5.05 15.26
N LEU B 104 -12.77 5.27 16.56
CA LEU B 104 -13.26 4.22 17.44
C LEU B 104 -14.82 4.19 17.47
N GLY B 105 -15.38 3.47 18.43
CA GLY B 105 -16.84 3.32 18.51
C GLY B 105 -17.48 2.59 17.32
N GLN B 106 -16.71 1.69 16.71
CA GLN B 106 -17.19 0.86 15.59
C GLN B 106 -17.81 -0.41 16.05
N PRO B 107 -18.85 -0.89 15.36
CA PRO B 107 -19.42 -2.14 15.85
C PRO B 107 -18.50 -3.34 15.55
N LYS B 108 -18.49 -4.34 16.44
CA LYS B 108 -17.74 -5.57 16.15
C LYS B 108 -18.35 -6.32 14.98
N ALA B 109 -17.49 -7.00 14.23
CA ALA B 109 -17.89 -7.78 13.06
C ALA B 109 -17.05 -9.04 12.95
N ALA B 110 -17.76 -10.17 12.88
CA ALA B 110 -17.14 -11.48 12.77
C ALA B 110 -16.48 -11.65 11.39
N PRO B 111 -15.39 -12.41 11.30
CA PRO B 111 -14.70 -12.57 10.01
C PRO B 111 -15.50 -13.40 9.03
N SER B 112 -15.47 -13.01 7.78
CA SER B 112 -15.91 -13.90 6.75
C SER B 112 -14.65 -14.68 6.28
N VAL B 113 -14.79 -15.99 6.12
CA VAL B 113 -13.68 -16.90 5.78
C VAL B 113 -14.00 -17.73 4.53
N THR B 114 -13.11 -17.67 3.55
CA THR B 114 -13.23 -18.45 2.32
C THR B 114 -11.94 -19.28 2.16
N LEU B 115 -12.08 -20.58 1.99
CA LEU B 115 -10.93 -21.48 1.92
C LEU B 115 -10.92 -22.15 0.57
N PHE B 116 -9.83 -22.00 -0.20
CA PHE B 116 -9.71 -22.61 -1.51
C PHE B 116 -8.72 -23.74 -1.45
N PRO B 117 -9.08 -24.85 -2.09
CA PRO B 117 -8.16 -25.97 -2.25
C PRO B 117 -7.13 -25.62 -3.35
N PRO B 118 -6.10 -26.43 -3.49
CA PRO B 118 -5.11 -26.28 -4.59
C PRO B 118 -5.80 -26.38 -5.94
N SER B 119 -5.45 -25.53 -6.88
CA SER B 119 -6.00 -25.66 -8.19
C SER B 119 -5.43 -26.93 -8.89
N SER B 120 -6.19 -27.43 -9.85
CA SER B 120 -5.70 -28.51 -10.66
C SER B 120 -4.42 -28.08 -11.40
N GLU B 121 -4.35 -26.84 -11.88
CA GLU B 121 -3.09 -26.42 -12.58
C GLU B 121 -1.88 -26.46 -11.65
N GLU B 122 -2.06 -26.03 -10.40
CA GLU B 122 -0.93 -26.04 -9.46
C GLU B 122 -0.51 -27.49 -9.13
N LEU B 123 -1.49 -28.37 -8.90
CA LEU B 123 -1.19 -29.77 -8.66
C LEU B 123 -0.40 -30.37 -9.81
N GLN B 124 -0.77 -30.03 -11.05
CA GLN B 124 -0.03 -30.53 -12.21
C GLN B 124 1.38 -29.99 -12.30
N ALA B 125 1.62 -28.84 -11.70
CA ALA B 125 2.95 -28.32 -11.55
C ALA B 125 3.66 -28.94 -10.33
N ASN B 126 3.06 -29.95 -9.74
CA ASN B 126 3.67 -30.61 -8.58
C ASN B 126 3.77 -29.76 -7.33
N LYS B 127 2.77 -28.91 -7.09
CA LYS B 127 2.73 -28.13 -5.88
C LYS B 127 1.29 -28.06 -5.39
N ALA B 128 1.10 -27.54 -4.18
CA ALA B 128 -0.25 -27.51 -3.59
C ALA B 128 -0.27 -26.40 -2.55
N THR B 129 -1.19 -25.47 -2.71
CA THR B 129 -1.33 -24.38 -1.73
C THR B 129 -2.80 -24.30 -1.34
N LEU B 130 -3.09 -24.36 -0.03
CA LEU B 130 -4.41 -24.00 0.47
C LEU B 130 -4.44 -22.51 0.79
N VAL B 131 -5.51 -21.82 0.39
CA VAL B 131 -5.61 -20.38 0.52
C VAL B 131 -6.81 -20.03 1.40
N CYS B 132 -6.54 -19.43 2.56
CA CYS B 132 -7.60 -19.08 3.52
C CYS B 132 -7.75 -17.55 3.54
N LEU B 133 -8.81 -17.00 2.96
CA LEU B 133 -8.91 -15.56 2.87
C LEU B 133 -9.94 -15.09 3.93
N ILE B 134 -9.60 -14.02 4.64
CA ILE B 134 -10.36 -13.64 5.83
C ILE B 134 -10.65 -12.17 5.70
N SER B 135 -11.94 -11.81 5.74
CA SER B 135 -12.31 -10.43 5.50
C SER B 135 -13.48 -9.93 6.35
N ASP B 136 -13.62 -8.60 6.40
CA ASP B 136 -14.81 -7.97 6.93
C ASP B 136 -14.87 -8.11 8.46
N PHE B 137 -13.72 -8.23 9.12
CA PHE B 137 -13.77 -8.37 10.58
C PHE B 137 -13.39 -7.07 11.27
N TYR B 138 -13.88 -6.89 12.51
CA TYR B 138 -13.53 -5.76 13.32
C TYR B 138 -13.74 -6.20 14.80
N PRO B 139 -12.76 -5.94 15.67
CA PRO B 139 -11.53 -5.20 15.40
C PRO B 139 -10.52 -6.00 14.63
N GLY B 140 -9.46 -5.31 14.20
CA GLY B 140 -8.55 -5.86 13.19
C GLY B 140 -7.49 -6.78 13.77
N ALA B 141 -7.87 -7.85 14.46
CA ALA B 141 -6.90 -8.83 14.98
C ALA B 141 -7.50 -10.24 14.93
N VAL B 142 -6.77 -11.21 14.37
CA VAL B 142 -7.19 -12.58 14.31
C VAL B 142 -5.97 -13.48 14.54
N THR B 143 -6.21 -14.71 14.94
CA THR B 143 -5.12 -15.69 14.87
C THR B 143 -5.65 -16.84 14.01
N VAL B 144 -4.76 -17.50 13.31
CA VAL B 144 -5.16 -18.50 12.35
C VAL B 144 -4.38 -19.77 12.66
N ALA B 145 -5.06 -20.91 12.72
CA ALA B 145 -4.39 -22.20 12.87
C ALA B 145 -4.88 -23.13 11.76
N TRP B 146 -4.10 -24.13 11.41
CA TRP B 146 -4.55 -25.13 10.43
C TRP B 146 -4.58 -26.54 10.99
N LYS B 147 -5.45 -27.35 10.44
CA LYS B 147 -5.54 -28.77 10.84
C LYS B 147 -5.49 -29.64 9.59
N ALA B 148 -4.78 -30.77 9.68
CA ALA B 148 -4.88 -31.86 8.71
C ALA B 148 -5.71 -32.94 9.40
N ASP B 149 -6.87 -33.27 8.80
CA ASP B 149 -7.87 -34.05 9.53
C ASP B 149 -8.11 -33.37 10.88
N SER B 150 -7.85 -34.03 12.01
CA SER B 150 -8.04 -33.32 13.27
C SER B 150 -6.75 -32.86 13.91
N SER B 151 -5.64 -32.95 13.20
CA SER B 151 -4.36 -32.66 13.82
C SER B 151 -3.80 -31.32 13.41
N PRO B 152 -3.27 -30.59 14.39
CA PRO B 152 -2.54 -29.32 14.20
C PRO B 152 -1.40 -29.46 13.22
N VAL B 153 -1.35 -28.52 12.28
CA VAL B 153 -0.26 -28.38 11.34
C VAL B 153 0.58 -27.16 11.71
N LYS B 154 1.90 -27.30 11.88
CA LYS B 154 2.74 -26.11 12.09
C LYS B 154 3.52 -25.70 10.82
N ALA B 155 4.13 -26.69 10.16
CA ALA B 155 5.00 -26.41 9.04
C ALA B 155 4.18 -25.99 7.82
N GLY B 156 4.71 -25.05 7.06
CA GLY B 156 4.16 -24.70 5.77
C GLY B 156 3.15 -23.56 5.84
N VAL B 157 2.92 -23.01 7.02
CA VAL B 157 1.92 -21.96 7.23
C VAL B 157 2.54 -20.58 7.16
N GLU B 158 1.89 -19.70 6.40
CA GLU B 158 2.32 -18.32 6.33
C GLU B 158 1.09 -17.46 6.43
N THR B 159 1.09 -16.44 7.28
CA THR B 159 -0.11 -15.66 7.54
C THR B 159 0.19 -14.18 7.53
N THR B 160 -0.66 -13.35 6.96
CA THR B 160 -0.34 -11.94 6.95
C THR B 160 -0.85 -11.26 8.23
N THR B 161 -0.32 -10.08 8.51
CA THR B 161 -0.94 -9.26 9.52
C THR B 161 -2.19 -8.60 8.89
N PRO B 162 -3.18 -8.22 9.69
CA PRO B 162 -4.41 -7.74 9.04
C PRO B 162 -4.25 -6.33 8.48
N SER B 163 -5.03 -5.96 7.48
CA SER B 163 -4.90 -4.64 6.88
C SER B 163 -6.26 -4.12 6.54
N LYS B 164 -6.37 -2.79 6.46
CA LYS B 164 -7.70 -2.22 6.44
C LYS B 164 -8.27 -2.37 5.04
N GLN B 165 -9.54 -2.75 4.95
CA GLN B 165 -10.18 -2.73 3.64
C GLN B 165 -10.94 -1.39 3.41
N SER B 166 -11.57 -1.26 2.25
CA SER B 166 -12.12 0.04 1.85
C SER B 166 -13.41 0.35 2.60
N ASN B 167 -14.14 -0.69 2.97
CA ASN B 167 -15.36 -0.50 3.77
C ASN B 167 -15.06 -0.29 5.26
N ASN B 168 -13.77 -0.19 5.60
CA ASN B 168 -13.33 0.08 6.96
C ASN B 168 -13.25 -1.15 7.92
N LYS B 169 -13.62 -2.33 7.45
CA LYS B 169 -13.28 -3.56 8.19
C LYS B 169 -11.88 -4.09 7.79
N TYR B 170 -11.45 -5.21 8.36
CA TYR B 170 -10.09 -5.65 8.13
C TYR B 170 -10.08 -6.98 7.38
N ALA B 171 -8.91 -7.28 6.80
CA ALA B 171 -8.68 -8.49 6.00
C ALA B 171 -7.31 -9.05 6.34
N ALA B 172 -7.19 -10.37 6.19
CA ALA B 172 -5.93 -11.09 6.37
C ALA B 172 -5.99 -12.35 5.49
N SER B 173 -4.85 -12.95 5.24
CA SER B 173 -4.84 -14.20 4.51
C SER B 173 -3.83 -15.10 5.13
N SER B 174 -4.06 -16.39 4.96
CA SER B 174 -3.16 -17.41 5.45
C SER B 174 -3.05 -18.51 4.41
N TYR B 175 -1.86 -19.07 4.31
CA TYR B 175 -1.52 -20.05 3.28
C TYR B 175 -0.89 -21.28 3.89
N LEU B 176 -1.28 -22.45 3.43
CA LEU B 176 -0.63 -23.71 3.82
C LEU B 176 -0.06 -24.40 2.56
N SER B 177 1.26 -24.55 2.54
CA SER B 177 1.94 -25.19 1.43
C SER B 177 2.09 -26.65 1.74
N LEU B 178 1.73 -27.51 0.80
CA LEU B 178 1.75 -28.96 0.96
C LEU B 178 2.37 -29.52 -0.29
N THR B 179 2.83 -30.76 -0.23
CA THR B 179 3.06 -31.50 -1.46
C THR B 179 1.73 -32.08 -1.96
N PRO B 180 1.63 -32.33 -3.27
CA PRO B 180 0.46 -32.98 -3.87
C PRO B 180 0.08 -34.25 -3.08
N GLU B 181 1.10 -34.99 -2.67
CA GLU B 181 0.89 -36.25 -1.94
C GLU B 181 0.33 -36.02 -0.55
N GLN B 182 0.78 -34.96 0.12
CA GLN B 182 0.18 -34.61 1.43
C GLN B 182 -1.27 -34.18 1.30
N TRP B 183 -1.56 -33.37 0.29
CA TRP B 183 -2.92 -32.95 -0.02
C TRP B 183 -3.82 -34.20 -0.23
N LYS B 184 -3.44 -35.09 -1.14
CA LYS B 184 -4.26 -36.28 -1.41
C LYS B 184 -4.32 -37.30 -0.28
N SER B 185 -3.39 -37.21 0.67
CA SER B 185 -3.29 -38.23 1.72
C SER B 185 -4.33 -38.11 2.82
N HIS B 186 -4.88 -36.92 3.05
CA HIS B 186 -5.72 -36.73 4.21
C HIS B 186 -7.15 -36.62 3.82
N ARG B 187 -8.05 -36.84 4.76
CA ARG B 187 -9.47 -36.72 4.44
C ARG B 187 -9.87 -35.25 4.35
N SER B 188 -9.21 -34.39 5.11
CA SER B 188 -9.59 -32.98 4.97
C SER B 188 -8.52 -32.10 5.55
N TYR B 189 -8.60 -30.80 5.24
CA TYR B 189 -7.78 -29.77 5.88
C TYR B 189 -8.74 -28.67 6.30
N SER B 190 -8.42 -27.95 7.38
CA SER B 190 -9.27 -26.87 7.91
C SER B 190 -8.41 -25.66 8.23
N CYS B 191 -8.96 -24.49 7.97
CA CYS B 191 -8.38 -23.21 8.34
C CYS B 191 -9.25 -22.75 9.53
N GLN B 192 -8.66 -22.50 10.70
CA GLN B 192 -9.44 -22.06 11.86
C GLN B 192 -9.07 -20.63 12.23
N VAL B 193 -10.03 -19.71 12.19
CA VAL B 193 -9.77 -18.31 12.41
C VAL B 193 -10.36 -17.87 13.74
N THR B 194 -9.52 -17.40 14.66
CA THR B 194 -10.02 -16.98 15.97
C THR B 194 -10.07 -15.47 16.03
N HIS B 195 -11.23 -14.96 16.42
CA HIS B 195 -11.48 -13.52 16.47
C HIS B 195 -12.23 -13.19 17.77
N GLU B 196 -11.62 -12.33 18.61
CA GLU B 196 -12.18 -11.94 19.86
C GLU B 196 -12.69 -13.15 20.66
N GLY B 197 -11.89 -14.21 20.75
CA GLY B 197 -12.18 -15.28 21.69
C GLY B 197 -12.98 -16.43 21.11
N SER B 198 -13.50 -16.24 19.89
CA SER B 198 -14.35 -17.25 19.28
C SER B 198 -13.79 -17.60 17.88
N THR B 199 -14.18 -18.76 17.36
CA THR B 199 -13.48 -19.32 16.20
C THR B 199 -14.43 -19.75 15.09
N VAL B 200 -14.11 -19.38 13.85
CA VAL B 200 -14.80 -19.95 12.71
C VAL B 200 -13.82 -20.85 11.95
N GLU B 201 -14.32 -22.00 11.53
CA GLU B 201 -13.47 -22.94 10.82
C GLU B 201 -14.09 -23.30 9.49
N LYS B 202 -13.28 -23.35 8.43
CA LYS B 202 -13.72 -23.83 7.13
C LYS B 202 -12.91 -25.05 6.78
N THR B 203 -13.52 -25.96 6.05
CA THR B 203 -12.86 -27.22 5.72
C THR B 203 -12.91 -27.51 4.23
N VAL B 204 -11.87 -28.13 3.70
CA VAL B 204 -11.90 -28.56 2.30
C VAL B 204 -11.33 -29.98 2.26
N ALA B 205 -11.62 -30.69 1.19
CA ALA B 205 -11.19 -32.09 1.01
C ALA B 205 -10.83 -32.36 -0.46
N PRO B 206 -9.83 -33.21 -0.68
CA PRO B 206 -9.47 -33.56 -2.07
C PRO B 206 -10.72 -34.03 -2.86
N THR B 207 -10.94 -33.53 -4.09
CA THR B 207 -12.07 -33.98 -4.92
C THR B 207 -11.61 -34.46 -6.29
N GLU B 208 -12.56 -34.98 -7.07
CA GLU B 208 -12.31 -35.44 -8.44
C GLU B 208 -11.31 -36.59 -8.50
#